data_1HK8
#
_entry.id   1HK8
#
_cell.length_a   98.163
_cell.length_b   98.163
_cell.length_c   246.131
_cell.angle_alpha   90.00
_cell.angle_beta   90.00
_cell.angle_gamma   90.00
#
_symmetry.space_group_name_H-M   'P 43 21 2'
#
loop_
_entity.id
_entity.type
_entity.pdbx_description
1 polymer 'ANAEROBIC RIBONUCLEOTIDE-TRIPHOSPHATE REDUCTASE'
2 non-polymer "2'-DEOXYGUANOSINE-5'-TRIPHOSPHATE"
3 non-polymer 'ZINC ION'
4 non-polymer 'MANGANESE (II) ION'
5 water water
#
_entity_poly.entity_id   1
_entity_poly.type   'polypeptide(L)'
_entity_poly.pdbx_seq_one_letter_code
;MTIEKEIEGLIHKTNKDLLNENANKDSRVFPTQRDLMAGIVSKHIAKNMVPSFIMKAHESGIIHVHDIDYSPALPFTNCC
LVDLKGMLENGFKLGNAQIETPKSIGVATAIMAQITAQVASHQYGGTTFANVDKVLSPYVKRTYAKHIEDAEKWQIADAL
NYAQSKTEKDVYDAFQAYEYEVNTLFSSNGQTPFVTITFGTGTDWTERMIQKAILKNRIKGLGRDGITPIFPKLVMFVEE
GVNLYKDDPNYDIKQLALECASKRMYPDIISAKNNKAITGSSVPVSPMGCRSFLSVWKDSTGNEILDGRNNLGVVTLNLP
RIALDSYIGTQFNEQKFVELFNERMDLCFEALMCRISSLKGVKATVAPILYQEGAFGVRLKPDDDIIELFKNGRSSVSLG
YIGIHELNILVGRDIGREILTKMNAHLKQWTERTGFAFSLYSTPAENLCYRFCKLDTEKYGSVKDVTDKGWYTNSFHVSV
EENITPFEKISREAPYHFIATGGHISYVELPDMKNNLKGLEAVWDYAAQHLDYFGVNMPVDKCFTCGSTHEMTPTENGFV
CSICGETDPKKMNTIRRTCAYLGNPNERGFNLGKNKEIMHRVKHQ
;
_entity_poly.pdbx_strand_id   A
#
# COMPACT_ATOMS: atom_id res chain seq x y z
N ASP A 26 7.39 12.48 -14.43
CA ASP A 26 6.54 13.63 -14.82
C ASP A 26 5.74 13.31 -16.10
N SER A 27 6.35 13.48 -17.27
CA SER A 27 5.65 13.33 -18.56
C SER A 27 6.58 13.55 -19.77
N ARG A 28 7.17 14.74 -19.87
CA ARG A 28 8.15 15.04 -20.93
C ARG A 28 9.59 14.76 -20.46
N VAL A 29 9.74 14.25 -19.24
CA VAL A 29 11.04 13.86 -18.66
C VAL A 29 11.54 12.56 -19.33
N PHE A 30 12.83 12.46 -19.65
CA PHE A 30 13.32 11.39 -20.53
C PHE A 30 12.94 9.94 -20.14
N PRO A 31 13.20 9.52 -18.91
CA PRO A 31 12.96 8.11 -18.53
C PRO A 31 11.47 7.75 -18.58
N THR A 32 10.64 8.76 -18.33
CA THR A 32 9.21 8.60 -18.48
C THR A 32 8.81 8.42 -19.93
N GLN A 33 9.45 9.14 -20.85
CA GLN A 33 9.13 9.04 -22.26
C GLN A 33 9.52 7.66 -22.80
N ARG A 34 10.67 7.18 -22.37
CA ARG A 34 11.16 5.85 -22.69
C ARG A 34 10.21 4.79 -22.18
N ASP A 35 9.72 5.00 -20.96
CA ASP A 35 8.80 4.07 -20.35
C ASP A 35 7.48 4.06 -21.10
N LEU A 36 7.00 5.24 -21.53
CA LEU A 36 5.78 5.31 -22.32
C LEU A 36 5.96 4.55 -23.63
N MET A 37 7.17 4.55 -24.18
CA MET A 37 7.38 3.81 -25.41
C MET A 37 7.23 2.31 -25.19
N ALA A 38 7.79 1.79 -24.09
CA ALA A 38 7.66 0.39 -23.73
C ALA A 38 6.22 0.05 -23.35
N GLY A 39 5.55 0.97 -22.67
CA GLY A 39 4.15 0.82 -22.33
C GLY A 39 3.24 0.67 -23.53
N ILE A 40 3.52 1.40 -24.60
CA ILE A 40 2.77 1.32 -25.85
C ILE A 40 3.03 0.00 -26.58
N VAL A 41 4.29 -0.38 -26.69
CA VAL A 41 4.63 -1.65 -27.27
C VAL A 41 3.99 -2.79 -26.48
N SER A 42 3.86 -2.60 -25.17
CA SER A 42 3.36 -3.64 -24.32
C SER A 42 1.86 -3.78 -24.46
N LYS A 43 1.14 -2.67 -24.62
CA LYS A 43 -0.31 -2.71 -24.89
C LYS A 43 -0.61 -3.41 -26.21
N HIS A 44 0.25 -3.21 -27.20
CA HIS A 44 0.09 -3.80 -28.52
C HIS A 44 0.28 -5.32 -28.44
N ILE A 45 1.28 -5.74 -27.68
CA ILE A 45 1.56 -7.15 -27.53
C ILE A 45 0.44 -7.85 -26.76
N ALA A 46 -0.14 -7.16 -25.79
CA ALA A 46 -1.26 -7.65 -25.02
C ALA A 46 -2.48 -7.87 -25.87
N LYS A 47 -2.65 -7.05 -26.90
CA LYS A 47 -3.75 -7.18 -27.85
C LYS A 47 -3.63 -8.49 -28.65
N ASN A 48 -2.41 -8.98 -28.85
CA ASN A 48 -2.16 -10.28 -29.51
C ASN A 48 -2.14 -11.49 -28.56
N MET A 49 -2.06 -11.27 -27.26
CA MET A 49 -1.94 -12.35 -26.27
C MET A 49 -3.24 -12.65 -25.55
N VAL A 50 -4.04 -11.62 -25.33
CA VAL A 50 -5.23 -11.69 -24.50
C VAL A 50 -6.43 -11.97 -25.39
N PRO A 51 -7.20 -13.00 -25.07
CA PRO A 51 -8.42 -13.29 -25.84
C PRO A 51 -9.32 -12.06 -26.01
N SER A 52 -9.81 -11.89 -27.23
CA SER A 52 -10.71 -10.80 -27.61
C SER A 52 -11.82 -10.46 -26.60
N PHE A 53 -12.54 -11.44 -26.06
CA PHE A 53 -13.68 -11.16 -25.17
C PHE A 53 -13.24 -10.49 -23.86
N ILE A 54 -12.02 -10.77 -23.45
CA ILE A 54 -11.46 -10.18 -22.23
C ILE A 54 -11.05 -8.74 -22.51
N MET A 55 -10.33 -8.55 -23.61
CA MET A 55 -10.00 -7.20 -24.08
C MET A 55 -11.24 -6.35 -24.28
N LYS A 56 -12.24 -6.87 -24.99
CA LYS A 56 -13.46 -6.10 -25.26
C LYS A 56 -14.14 -5.66 -23.95
N ALA A 57 -14.19 -6.56 -22.99
CA ALA A 57 -14.79 -6.29 -21.69
C ALA A 57 -14.03 -5.19 -20.94
N HIS A 58 -12.71 -5.11 -21.15
CA HIS A 58 -11.85 -4.08 -20.57
C HIS A 58 -12.05 -2.71 -21.26
N GLU A 59 -12.07 -2.68 -22.57
CA GLU A 59 -12.36 -1.42 -23.31
C GLU A 59 -13.70 -0.80 -22.89
N SER A 60 -14.68 -1.65 -22.61
CA SER A 60 -16.04 -1.17 -22.36
C SER A 60 -16.28 -0.84 -20.89
N GLY A 61 -15.37 -1.28 -20.01
CA GLY A 61 -15.45 -0.92 -18.62
C GLY A 61 -16.29 -1.86 -17.81
N ILE A 62 -16.57 -3.03 -18.37
CA ILE A 62 -17.20 -4.14 -17.62
C ILE A 62 -16.27 -4.59 -16.50
N ILE A 63 -15.01 -4.82 -16.86
CA ILE A 63 -13.91 -5.08 -15.91
C ILE A 63 -12.77 -4.11 -16.21
N HIS A 64 -11.69 -4.25 -15.44
CA HIS A 64 -10.47 -3.53 -15.64
C HIS A 64 -9.30 -4.44 -15.34
N VAL A 65 -8.53 -4.76 -16.38
CA VAL A 65 -7.29 -5.49 -16.26
C VAL A 65 -6.21 -4.47 -15.96
N HIS A 66 -5.68 -4.54 -14.73
CA HIS A 66 -4.71 -3.54 -14.27
C HIS A 66 -3.36 -3.80 -14.93
N ASP A 67 -2.57 -2.74 -15.11
CA ASP A 67 -1.14 -2.85 -15.51
C ASP A 67 -0.90 -3.55 -16.85
N ILE A 68 -1.78 -3.26 -17.81
CA ILE A 68 -1.71 -3.85 -19.14
C ILE A 68 -0.53 -3.29 -19.94
N ASP A 69 -0.07 -2.10 -19.56
CA ASP A 69 1.17 -1.54 -20.09
C ASP A 69 2.48 -2.25 -19.62
N TYR A 70 2.35 -3.25 -18.73
CA TYR A 70 3.47 -4.09 -18.28
C TYR A 70 3.23 -5.58 -18.60
N SER A 71 2.08 -6.11 -18.20
CA SER A 71 1.74 -7.54 -18.30
C SER A 71 0.46 -7.75 -19.11
N PRO A 72 0.36 -8.83 -19.90
CA PRO A 72 1.30 -9.95 -19.97
C PRO A 72 2.43 -9.89 -21.01
N ALA A 73 2.76 -8.72 -21.54
CA ALA A 73 3.78 -8.63 -22.58
C ALA A 73 5.12 -9.08 -22.01
N LEU A 74 5.34 -8.74 -20.76
CA LEU A 74 6.42 -9.32 -19.99
C LEU A 74 5.84 -9.93 -18.71
N PRO A 75 6.47 -11.00 -18.23
CA PRO A 75 5.97 -11.73 -17.06
C PRO A 75 6.21 -11.11 -15.68
N PHE A 76 5.93 -9.82 -15.54
CA PHE A 76 5.96 -9.12 -14.27
C PHE A 76 4.89 -9.64 -13.31
N THR A 77 5.18 -9.47 -12.03
CA THR A 77 4.24 -9.65 -10.94
C THR A 77 3.99 -8.26 -10.40
N ASN A 78 3.17 -8.18 -9.35
CA ASN A 78 2.62 -6.92 -8.90
C ASN A 78 3.37 -6.42 -7.68
N CYS A 79 2.88 -6.70 -6.47
CA CYS A 79 3.50 -6.15 -5.27
C CYS A 79 4.16 -7.29 -4.45
N CYS A 80 4.83 -6.96 -3.35
CA CYS A 80 5.46 -7.99 -2.49
C CYS A 80 5.85 -7.53 -1.09
N LEU A 81 6.05 -8.51 -0.22
CA LEU A 81 6.75 -8.26 1.04
C LEU A 81 8.18 -8.67 0.78
N VAL A 82 9.10 -7.72 0.79
CA VAL A 82 10.50 -8.08 0.57
C VAL A 82 11.07 -8.83 1.78
N ASP A 83 11.72 -9.96 1.52
CA ASP A 83 12.44 -10.69 2.54
C ASP A 83 13.81 -10.09 2.84
N LEU A 84 13.81 -8.88 3.38
CA LEU A 84 15.04 -8.19 3.71
C LEU A 84 15.89 -8.92 4.77
N LYS A 85 15.24 -9.62 5.69
CA LYS A 85 15.92 -10.28 6.80
C LYS A 85 16.83 -11.36 6.25
N GLY A 86 16.25 -12.26 5.46
CA GLY A 86 16.99 -13.31 4.79
C GLY A 86 18.10 -12.77 3.89
N MET A 87 17.86 -11.64 3.22
CA MET A 87 18.86 -11.09 2.32
C MET A 87 20.07 -10.61 3.11
N LEU A 88 19.81 -9.79 4.12
CA LEU A 88 20.84 -9.17 4.92
C LEU A 88 21.63 -10.19 5.74
N GLU A 89 20.93 -11.17 6.32
CA GLU A 89 21.53 -12.15 7.23
C GLU A 89 22.57 -12.97 6.50
N ASN A 90 22.19 -13.47 5.34
CA ASN A 90 23.06 -14.26 4.49
C ASN A 90 23.78 -13.32 3.50
N GLY A 91 24.47 -13.88 2.53
CA GLY A 91 24.92 -13.04 1.43
C GLY A 91 23.76 -12.71 0.49
N PHE A 92 23.95 -11.76 -0.42
CA PHE A 92 23.18 -11.72 -1.67
C PHE A 92 23.83 -10.82 -2.73
N LYS A 93 23.76 -11.25 -3.99
CA LYS A 93 24.23 -10.43 -5.11
C LYS A 93 23.20 -9.36 -5.46
N LEU A 94 23.68 -8.15 -5.69
CA LEU A 94 22.84 -6.98 -5.97
C LEU A 94 23.61 -6.20 -7.01
N GLY A 95 23.05 -6.06 -8.21
CA GLY A 95 23.80 -5.53 -9.33
C GLY A 95 24.97 -6.45 -9.56
N ASN A 96 26.19 -5.88 -9.61
CA ASN A 96 27.43 -6.64 -9.82
C ASN A 96 28.16 -7.04 -8.53
N ALA A 97 27.55 -6.69 -7.39
CA ALA A 97 28.21 -6.73 -6.10
C ALA A 97 27.65 -7.81 -5.18
N GLN A 98 28.54 -8.66 -4.66
CA GLN A 98 28.18 -9.70 -3.71
C GLN A 98 28.19 -9.12 -2.29
N ILE A 99 27.07 -8.52 -1.91
CA ILE A 99 26.94 -7.82 -0.63
C ILE A 99 27.03 -8.79 0.57
N GLU A 100 27.63 -8.31 1.66
CA GLU A 100 27.76 -9.10 2.91
C GLU A 100 26.88 -8.49 4.00
N THR A 101 26.65 -9.23 5.07
CA THR A 101 25.86 -8.72 6.22
C THR A 101 26.41 -7.37 6.68
N PRO A 102 25.58 -6.34 6.72
CA PRO A 102 26.05 -5.03 7.18
C PRO A 102 26.51 -5.06 8.63
N LYS A 103 27.51 -4.24 8.94
CA LYS A 103 28.12 -4.17 10.27
C LYS A 103 27.85 -2.81 10.89
N SER A 104 26.85 -2.12 10.35
CA SER A 104 26.37 -0.87 10.92
C SER A 104 24.96 -0.57 10.40
N ILE A 105 24.20 0.17 11.18
CA ILE A 105 22.83 0.49 10.82
C ILE A 105 22.75 1.31 9.52
N GLY A 106 23.72 2.19 9.29
CA GLY A 106 23.65 3.16 8.20
C GLY A 106 23.89 2.51 6.87
N VAL A 107 24.75 1.51 6.89
CA VAL A 107 25.00 0.68 5.73
C VAL A 107 23.78 -0.21 5.43
N ALA A 108 23.06 -0.60 6.48
CA ALA A 108 21.92 -1.50 6.35
C ALA A 108 20.75 -0.83 5.59
N THR A 109 20.51 0.44 5.91
CA THR A 109 19.44 1.18 5.27
C THR A 109 19.90 1.70 3.93
N ALA A 110 21.21 1.74 3.70
CA ALA A 110 21.75 2.14 2.41
C ALA A 110 21.52 1.00 1.44
N ILE A 111 21.76 -0.22 1.89
CA ILE A 111 21.43 -1.42 1.16
C ILE A 111 19.91 -1.60 1.01
N MET A 112 19.15 -1.21 2.03
CA MET A 112 17.70 -1.37 1.97
C MET A 112 17.16 -0.45 0.87
N ALA A 113 17.81 0.70 0.68
CA ALA A 113 17.43 1.69 -0.31
C ALA A 113 17.71 1.21 -1.72
N GLN A 114 18.79 0.47 -1.89
CA GLN A 114 19.17 -0.02 -3.21
C GLN A 114 18.30 -1.20 -3.61
N ILE A 115 17.91 -2.00 -2.64
CA ILE A 115 17.00 -3.11 -2.87
C ILE A 115 15.62 -2.56 -3.23
N THR A 116 15.25 -1.44 -2.64
CA THR A 116 14.02 -0.79 -2.95
C THR A 116 13.96 -0.43 -4.43
N ALA A 117 15.02 0.19 -4.94
CA ALA A 117 15.06 0.63 -6.32
C ALA A 117 15.07 -0.56 -7.27
N GLN A 118 15.73 -1.63 -6.86
CA GLN A 118 15.87 -2.79 -7.71
C GLN A 118 14.58 -3.61 -7.80
N VAL A 119 13.89 -3.75 -6.67
CA VAL A 119 12.65 -4.50 -6.63
C VAL A 119 11.56 -3.71 -7.40
N ALA A 120 11.44 -2.42 -7.16
CA ALA A 120 10.53 -1.57 -7.94
C ALA A 120 10.72 -1.70 -9.45
N SER A 121 11.95 -1.94 -9.91
CA SER A 121 12.24 -2.05 -11.34
C SER A 121 11.94 -3.41 -11.95
N HIS A 122 11.57 -4.40 -11.14
CA HIS A 122 11.32 -5.76 -11.62
C HIS A 122 9.93 -6.27 -11.29
N GLN A 123 9.11 -5.37 -10.76
CA GLN A 123 7.69 -5.61 -10.63
C GLN A 123 6.97 -4.31 -10.95
N TYR A 124 5.69 -4.34 -11.28
CA TYR A 124 4.95 -3.09 -11.58
C TYR A 124 4.19 -2.48 -10.39
N GLY A 125 4.32 -3.08 -9.22
CA GLY A 125 3.55 -2.69 -8.05
C GLY A 125 4.41 -2.21 -6.90
N GLY A 126 3.81 -2.14 -5.71
CA GLY A 126 4.46 -1.60 -4.55
C GLY A 126 5.37 -2.61 -3.88
N THR A 127 6.40 -2.08 -3.25
CA THR A 127 7.37 -2.82 -2.47
C THR A 127 7.13 -2.49 -1.00
N THR A 128 7.00 -3.51 -0.16
CA THR A 128 6.85 -3.31 1.29
C THR A 128 8.01 -3.96 2.08
N PHE A 129 8.60 -3.22 3.02
CA PHE A 129 9.50 -3.79 4.02
C PHE A 129 8.75 -3.86 5.34
N ALA A 130 8.35 -5.07 5.72
CA ALA A 130 7.61 -5.30 6.95
C ALA A 130 8.52 -5.34 8.19
N ASN A 131 8.08 -4.66 9.26
CA ASN A 131 8.66 -4.74 10.59
C ASN A 131 10.13 -4.33 10.60
N VAL A 132 10.44 -3.18 10.01
CA VAL A 132 11.83 -2.75 9.90
C VAL A 132 12.47 -2.50 11.26
N ASP A 133 11.66 -2.25 12.30
CA ASP A 133 12.18 -2.19 13.67
C ASP A 133 12.81 -3.51 14.14
N LYS A 134 12.12 -4.62 13.92
CA LYS A 134 12.66 -5.94 14.24
C LYS A 134 13.79 -6.34 13.32
N VAL A 135 13.61 -6.13 12.02
CA VAL A 135 14.56 -6.62 11.03
C VAL A 135 15.91 -5.90 11.14
N LEU A 136 15.89 -4.60 11.40
CA LEU A 136 17.11 -3.78 11.38
C LEU A 136 17.77 -3.64 12.77
N SER A 137 17.04 -4.10 13.79
CA SER A 137 17.53 -4.19 15.18
C SER A 137 18.96 -4.70 15.34
N PRO A 138 19.33 -5.82 14.72
CA PRO A 138 20.68 -6.37 14.89
C PRO A 138 21.78 -5.45 14.41
N TYR A 139 21.48 -4.52 13.50
CA TYR A 139 22.48 -3.61 12.94
C TYR A 139 22.65 -2.36 13.80
N VAL A 140 21.60 -2.00 14.53
CA VAL A 140 21.69 -1.01 15.59
C VAL A 140 22.56 -1.57 16.74
N LYS A 141 22.51 -2.89 16.95
CA LYS A 141 23.30 -3.56 17.98
C LYS A 141 24.77 -3.59 17.60
N ARG A 142 25.07 -3.67 16.31
CA ARG A 142 26.46 -3.70 15.88
C ARG A 142 27.06 -2.32 15.95
N THR A 143 26.27 -1.30 15.62
CA THR A 143 26.66 0.09 15.76
C THR A 143 26.96 0.42 17.22
N TYR A 144 26.15 -0.10 18.13
CA TYR A 144 26.29 0.17 19.57
C TYR A 144 27.60 -0.42 20.10
N ALA A 145 27.88 -1.66 19.71
CA ALA A 145 29.11 -2.36 20.09
C ALA A 145 30.35 -1.65 19.56
N LYS A 146 30.26 -1.03 18.39
CA LYS A 146 31.39 -0.32 17.79
C LYS A 146 31.76 0.92 18.61
N HIS A 147 30.76 1.62 19.11
CA HIS A 147 30.97 2.83 19.90
C HIS A 147 31.42 2.49 21.33
N ILE A 148 30.97 1.34 21.84
CA ILE A 148 31.41 0.82 23.13
C ILE A 148 32.91 0.50 23.03
N GLU A 149 33.31 -0.08 21.90
CA GLU A 149 34.70 -0.40 21.61
C GLU A 149 35.54 0.88 21.49
N ASP A 150 34.93 1.97 21.01
CA ASP A 150 35.59 3.26 20.88
C ASP A 150 35.65 4.05 22.19
N ALA A 151 34.77 3.73 23.15
CA ALA A 151 34.80 4.37 24.45
C ALA A 151 35.97 3.84 25.29
N GLU A 152 36.30 2.57 25.10
CA GLU A 152 37.47 1.97 25.74
C GLU A 152 38.76 2.35 25.00
N LYS A 153 38.72 2.40 23.68
CA LYS A 153 39.90 2.70 22.87
C LYS A 153 40.43 4.11 23.15
N TRP A 154 39.55 5.05 23.50
CA TRP A 154 39.91 6.46 23.66
C TRP A 154 39.67 7.02 25.08
N GLN A 155 39.51 6.13 26.06
CA GLN A 155 39.47 6.53 27.49
C GLN A 155 38.37 7.56 27.76
N ILE A 156 37.16 7.28 27.28
CA ILE A 156 36.06 8.22 27.36
C ILE A 156 35.42 8.05 28.72
N ALA A 157 35.30 9.18 29.43
CA ALA A 157 34.89 9.17 30.84
C ALA A 157 33.51 8.55 30.99
N ASP A 158 32.53 9.21 30.38
CA ASP A 158 31.13 8.77 30.41
C ASP A 158 30.87 7.77 29.25
N ALA A 159 31.19 6.49 29.47
CA ALA A 159 31.21 5.48 28.40
C ALA A 159 29.82 5.03 27.91
N LEU A 160 28.93 4.66 28.83
CA LEU A 160 27.59 4.19 28.46
C LEU A 160 26.72 5.31 27.85
N ASN A 161 27.10 6.57 28.09
CA ASN A 161 26.37 7.72 27.56
C ASN A 161 26.93 8.20 26.20
N TYR A 162 28.15 7.78 25.87
CA TYR A 162 28.76 8.12 24.59
C TYR A 162 28.22 7.16 23.53
N ALA A 163 28.20 5.87 23.87
CA ALA A 163 27.74 4.83 22.99
C ALA A 163 26.26 4.97 22.63
N GLN A 164 25.44 5.36 23.61
CA GLN A 164 24.01 5.54 23.42
C GLN A 164 23.72 6.80 22.60
N SER A 165 24.38 7.89 22.95
CA SER A 165 24.18 9.17 22.26
C SER A 165 24.63 9.11 20.79
N LYS A 166 25.73 8.43 20.53
CA LYS A 166 26.27 8.32 19.18
C LYS A 166 25.42 7.36 18.36
N THR A 167 24.89 6.32 19.00
CA THR A 167 24.05 5.34 18.33
C THR A 167 22.73 6.00 17.94
N GLU A 168 22.18 6.81 18.85
CA GLU A 168 20.94 7.57 18.59
C GLU A 168 21.10 8.42 17.34
N LYS A 169 22.27 9.02 17.20
CA LYS A 169 22.56 9.89 16.08
C LYS A 169 22.72 9.08 14.79
N ASP A 170 23.39 7.94 14.87
CA ASP A 170 23.63 7.11 13.70
C ASP A 170 22.32 6.54 13.12
N VAL A 171 21.37 6.26 14.00
CA VAL A 171 20.11 5.66 13.62
C VAL A 171 19.25 6.74 13.00
N TYR A 172 19.20 7.92 13.64
CA TYR A 172 18.49 9.05 13.07
C TYR A 172 18.98 9.31 11.62
N ASP A 173 20.29 9.21 11.42
CA ASP A 173 20.92 9.55 10.16
C ASP A 173 20.66 8.46 9.11
N ALA A 174 20.57 7.22 9.56
CA ALA A 174 20.38 6.08 8.70
C ALA A 174 19.00 6.08 8.05
N PHE A 175 18.01 6.58 8.80
CA PHE A 175 16.63 6.65 8.35
C PHE A 175 16.30 7.98 7.69
N GLN A 176 17.15 8.97 7.88
CA GLN A 176 17.11 10.17 7.05
C GLN A 176 17.70 9.81 5.70
N ALA A 177 18.75 9.02 5.71
CA ALA A 177 19.33 8.55 4.47
C ALA A 177 18.23 7.78 3.69
N TYR A 178 17.58 6.81 4.34
CA TYR A 178 16.57 6.04 3.65
C TYR A 178 15.47 6.94 3.03
N GLU A 179 14.93 7.85 3.81
CA GLU A 179 13.78 8.64 3.39
C GLU A 179 14.12 9.52 2.21
N TYR A 180 15.36 9.99 2.16
CA TYR A 180 15.86 10.84 1.09
C TYR A 180 16.25 9.99 -0.12
N GLU A 181 16.89 8.84 0.07
CA GLU A 181 17.28 7.98 -1.05
C GLU A 181 16.03 7.59 -1.87
N VAL A 182 14.96 7.25 -1.20
CA VAL A 182 13.72 6.80 -1.80
C VAL A 182 13.02 7.94 -2.56
N ASN A 183 13.35 9.17 -2.21
CA ASN A 183 12.79 10.34 -2.86
C ASN A 183 13.72 10.98 -3.90
N THR A 184 14.93 10.44 -4.08
CA THR A 184 15.92 10.99 -4.99
C THR A 184 16.36 10.02 -6.09
N LEU A 185 15.75 8.84 -6.14
CA LEU A 185 16.14 7.84 -7.12
C LEU A 185 14.93 7.47 -7.95
N PHE A 186 15.13 7.34 -9.25
CA PHE A 186 14.08 6.85 -10.13
C PHE A 186 14.35 5.37 -10.37
N SER A 187 13.27 4.60 -10.39
CA SER A 187 13.33 3.23 -10.86
C SER A 187 13.25 3.23 -12.41
N SER A 188 13.33 2.04 -13.00
CA SER A 188 13.21 1.80 -14.46
C SER A 188 12.23 2.75 -15.12
N ASN A 189 11.06 2.90 -14.52
CA ASN A 189 9.94 3.65 -15.11
C ASN A 189 9.99 5.19 -14.97
N GLY A 190 11.12 5.72 -14.54
CA GLY A 190 11.27 7.15 -14.32
C GLY A 190 10.54 7.78 -13.15
N GLN A 191 9.93 6.96 -12.29
CA GLN A 191 9.22 7.48 -11.14
C GLN A 191 9.94 7.16 -9.84
N THR A 192 9.59 7.90 -8.80
CA THR A 192 10.01 7.61 -7.45
C THR A 192 9.33 6.30 -7.02
N PRO A 193 10.10 5.38 -6.44
CA PRO A 193 9.57 4.06 -6.11
C PRO A 193 8.44 4.12 -5.10
N PHE A 194 7.48 3.23 -5.32
CA PHE A 194 6.25 3.17 -4.55
C PHE A 194 6.55 2.11 -3.48
N VAL A 195 6.78 2.58 -2.25
CA VAL A 195 7.33 1.74 -1.18
C VAL A 195 6.64 2.03 0.16
N THR A 196 6.40 0.98 0.94
CA THR A 196 5.86 1.14 2.29
C THR A 196 6.72 0.43 3.35
N ILE A 197 6.70 0.98 4.56
CA ILE A 197 7.55 0.59 5.69
C ILE A 197 6.63 0.41 6.90
N THR A 198 6.64 -0.77 7.52
CA THR A 198 5.87 -0.98 8.73
C THR A 198 6.71 -1.27 9.98
N PHE A 199 6.11 -0.98 11.13
CA PHE A 199 6.76 -1.09 12.43
C PHE A 199 5.72 -1.01 13.53
N GLY A 200 6.14 -1.31 14.76
CA GLY A 200 5.31 -1.06 15.93
C GLY A 200 5.16 -2.21 16.89
N THR A 201 5.51 -3.42 16.45
CA THR A 201 5.53 -4.58 17.33
C THR A 201 6.83 -4.73 18.11
N GLY A 202 7.78 -3.81 17.94
CA GLY A 202 9.08 -3.91 18.59
C GLY A 202 9.10 -3.19 19.92
N THR A 203 9.59 -3.86 20.97
CA THR A 203 9.67 -3.29 22.34
C THR A 203 11.07 -3.21 22.95
N ASP A 204 12.01 -3.98 22.40
CA ASP A 204 13.43 -3.87 22.73
C ASP A 204 13.94 -2.45 22.46
N TRP A 205 15.04 -2.05 23.11
CA TRP A 205 15.49 -0.65 23.02
C TRP A 205 15.95 -0.24 21.59
N THR A 206 16.48 -1.20 20.84
CA THR A 206 16.88 -0.97 19.45
C THR A 206 15.67 -0.72 18.56
N GLU A 207 14.62 -1.51 18.78
CA GLU A 207 13.38 -1.44 18.02
C GLU A 207 12.59 -0.16 18.32
N ARG A 208 12.63 0.29 19.58
CA ARG A 208 12.04 1.57 19.95
C ARG A 208 12.79 2.69 19.22
N MET A 209 14.11 2.63 19.23
CA MET A 209 14.92 3.69 18.64
C MET A 209 14.69 3.85 17.14
N ILE A 210 14.52 2.73 16.42
CA ILE A 210 14.21 2.78 15.00
C ILE A 210 12.88 3.51 14.75
N GLN A 211 11.86 3.14 15.52
CA GLN A 211 10.52 3.72 15.39
C GLN A 211 10.50 5.21 15.64
N LYS A 212 11.31 5.65 16.59
CA LYS A 212 11.38 7.07 16.92
C LYS A 212 12.13 7.79 15.82
N ALA A 213 13.17 7.16 15.31
CA ALA A 213 13.95 7.71 14.18
C ALA A 213 13.09 7.92 12.92
N ILE A 214 12.30 6.92 12.57
CA ILE A 214 11.42 6.99 11.41
C ILE A 214 10.41 8.12 11.59
N LEU A 215 9.78 8.16 12.76
CA LEU A 215 8.72 9.12 13.03
C LEU A 215 9.23 10.53 13.14
N LYS A 216 10.39 10.71 13.75
CA LYS A 216 11.01 12.02 13.86
C LYS A 216 11.47 12.58 12.51
N ASN A 217 12.00 11.72 11.63
CA ASN A 217 12.44 12.18 10.30
C ASN A 217 11.22 12.58 9.52
N ARG A 218 10.19 11.77 9.65
CA ARG A 218 8.98 12.08 8.95
C ARG A 218 8.43 13.43 9.39
N ILE A 219 8.36 13.67 10.72
CA ILE A 219 7.94 14.99 11.26
C ILE A 219 8.79 16.12 10.71
N LYS A 220 10.10 15.98 10.71
CA LYS A 220 10.94 17.06 10.21
C LYS A 220 10.61 17.41 8.75
N GLY A 221 10.29 16.39 7.95
CA GLY A 221 9.94 16.60 6.57
C GLY A 221 11.14 16.55 5.65
N LEU A 222 10.86 16.75 4.38
CA LEU A 222 11.81 16.48 3.33
C LEU A 222 12.31 17.79 2.75
N GLY A 223 13.62 17.95 2.78
CA GLY A 223 14.27 19.05 2.11
C GLY A 223 14.30 20.36 2.87
N ARG A 224 14.87 21.36 2.20
CA ARG A 224 15.00 22.72 2.71
C ARG A 224 13.74 23.18 3.44
N ASP A 225 12.60 23.05 2.77
CA ASP A 225 11.31 23.58 3.25
C ASP A 225 10.50 22.63 4.14
N GLY A 226 10.96 21.40 4.33
CA GLY A 226 10.30 20.45 5.20
C GLY A 226 8.94 19.99 4.69
N ILE A 227 8.84 19.69 3.40
CA ILE A 227 7.56 19.30 2.80
C ILE A 227 7.14 17.90 3.19
N THR A 228 5.86 17.62 3.01
CA THR A 228 5.28 16.31 3.29
C THR A 228 5.57 15.34 2.13
N PRO A 229 6.33 14.27 2.36
CA PRO A 229 6.61 13.30 1.30
C PRO A 229 5.42 12.38 0.98
N ILE A 230 5.30 11.97 -0.28
CA ILE A 230 4.28 10.98 -0.68
C ILE A 230 4.69 9.58 -0.23
N PHE A 231 5.98 9.29 -0.32
CA PHE A 231 6.54 7.98 0.03
C PHE A 231 7.81 8.16 0.87
N PRO A 232 8.22 7.16 1.65
CA PRO A 232 7.52 5.88 1.89
C PRO A 232 6.20 5.98 2.64
N LYS A 233 5.23 5.10 2.38
CA LYS A 233 4.08 4.96 3.26
C LYS A 233 4.61 4.42 4.58
N LEU A 234 4.06 4.92 5.67
CA LEU A 234 4.35 4.39 7.00
C LEU A 234 3.09 3.79 7.57
N VAL A 235 3.19 2.59 8.10
CA VAL A 235 2.07 1.98 8.81
C VAL A 235 2.60 1.44 10.15
N MET A 236 1.94 1.81 11.24
CA MET A 236 2.30 1.28 12.54
C MET A 236 1.25 0.34 13.10
N PHE A 237 1.70 -0.82 13.55
CA PHE A 237 0.87 -1.76 14.28
C PHE A 237 0.56 -1.26 15.72
N VAL A 238 -0.68 -1.49 16.16
CA VAL A 238 -1.14 -1.09 17.50
C VAL A 238 -1.72 -2.29 18.22
N GLU A 239 -1.24 -2.51 19.43
CA GLU A 239 -1.63 -3.68 20.21
C GLU A 239 -1.75 -3.34 21.66
N GLU A 240 -2.64 -4.03 22.35
CA GLU A 240 -2.73 -3.96 23.81
C GLU A 240 -1.54 -4.74 24.34
N GLY A 241 -0.83 -4.14 25.29
CA GLY A 241 0.37 -4.72 25.86
C GLY A 241 1.64 -4.26 25.15
N VAL A 242 1.49 -3.40 24.14
CA VAL A 242 2.63 -2.89 23.37
C VAL A 242 2.59 -1.38 23.26
N ASN A 243 1.54 -0.82 22.65
CA ASN A 243 1.50 0.64 22.47
C ASN A 243 0.12 1.30 22.42
N LEU A 244 -0.91 0.64 22.92
CA LEU A 244 -2.29 1.14 22.82
C LEU A 244 -2.79 1.98 24.02
N TYR A 245 -2.39 1.62 25.23
CA TYR A 245 -2.90 2.24 26.47
C TYR A 245 -1.81 2.93 27.27
N LYS A 246 -2.21 3.85 28.16
CA LYS A 246 -1.27 4.62 28.99
C LYS A 246 -0.10 3.80 29.56
N ASP A 247 -0.40 2.60 30.06
CA ASP A 247 0.57 1.78 30.77
C ASP A 247 1.50 0.95 29.88
N ASP A 248 1.20 0.87 28.59
CA ASP A 248 2.00 0.06 27.65
C ASP A 248 3.41 0.64 27.45
N PRO A 249 4.41 -0.22 27.27
CA PRO A 249 5.81 0.22 27.11
C PRO A 249 6.08 1.27 26.01
N ASN A 250 5.49 1.08 24.83
CA ASN A 250 5.73 1.99 23.70
C ASN A 250 4.63 3.05 23.55
N TYR A 251 3.97 3.38 24.65
CA TYR A 251 2.91 4.37 24.62
C TYR A 251 3.45 5.74 24.25
N ASP A 252 4.70 6.01 24.59
CA ASP A 252 5.31 7.28 24.18
C ASP A 252 5.48 7.35 22.64
N ILE A 253 5.82 6.21 22.04
CA ILE A 253 5.92 6.12 20.58
C ILE A 253 4.55 6.32 19.92
N LYS A 254 3.49 5.80 20.53
CA LYS A 254 2.14 6.05 20.00
C LYS A 254 1.85 7.55 19.92
N GLN A 255 2.30 8.32 20.92
CA GLN A 255 2.09 9.78 20.95
C GLN A 255 2.95 10.50 19.91
N LEU A 256 4.15 10.02 19.68
CA LEU A 256 4.98 10.50 18.58
C LEU A 256 4.28 10.28 17.23
N ALA A 257 3.68 9.11 17.05
CA ALA A 257 2.97 8.75 15.82
C ALA A 257 1.74 9.59 15.59
N LEU A 258 1.07 9.99 16.67
CA LEU A 258 -0.12 10.83 16.55
C LEU A 258 0.26 12.22 16.06
N GLU A 259 1.35 12.75 16.60
CA GLU A 259 1.90 14.04 16.18
C GLU A 259 2.34 13.98 14.70
N CYS A 260 3.02 12.90 14.33
CA CYS A 260 3.44 12.69 12.94
C CYS A 260 2.24 12.61 11.99
N ALA A 261 1.28 11.73 12.27
CA ALA A 261 0.04 11.68 11.49
C ALA A 261 -0.60 13.04 11.28
N SER A 262 -0.57 13.89 12.30
CA SER A 262 -1.24 15.21 12.24
C SER A 262 -0.47 16.24 11.42
N LYS A 263 0.83 16.03 11.28
CA LYS A 263 1.66 16.94 10.47
C LYS A 263 1.95 16.41 9.07
N ARG A 264 1.85 15.10 8.88
CA ARG A 264 2.32 14.46 7.63
C ARG A 264 1.42 13.31 7.13
N MET A 265 0.23 13.19 7.72
CA MET A 265 -0.75 12.14 7.42
C MET A 265 -0.36 10.74 7.88
N TYR A 266 0.74 10.22 7.37
CA TYR A 266 1.22 8.93 7.83
C TYR A 266 1.76 9.13 9.23
N PRO A 267 1.80 8.10 10.07
CA PRO A 267 1.48 6.71 9.70
C PRO A 267 -0.01 6.34 9.76
N ASP A 268 -0.43 5.52 8.81
CA ASP A 268 -1.65 4.74 8.93
C ASP A 268 -1.41 3.76 10.07
N ILE A 269 -2.47 3.20 10.63
CA ILE A 269 -2.32 2.16 11.64
C ILE A 269 -3.04 0.88 11.25
N ILE A 270 -2.51 -0.24 11.73
CA ILE A 270 -3.20 -1.51 11.65
C ILE A 270 -3.45 -2.06 13.05
N SER A 271 -4.68 -2.50 13.30
CA SER A 271 -5.02 -3.22 14.54
C SER A 271 -4.45 -4.61 14.48
N ALA A 272 -3.44 -4.86 15.30
CA ALA A 272 -2.80 -6.17 15.34
C ALA A 272 -3.79 -7.27 15.66
N LYS A 273 -4.68 -7.03 16.62
CA LYS A 273 -5.67 -8.04 17.02
C LYS A 273 -6.61 -8.43 15.86
N ASN A 274 -7.26 -7.44 15.23
CA ASN A 274 -8.16 -7.73 14.10
C ASN A 274 -7.41 -8.27 12.89
N ASN A 275 -6.21 -7.75 12.65
CA ASN A 275 -5.40 -8.14 11.52
C ASN A 275 -5.09 -9.64 11.55
N LYS A 276 -4.71 -10.15 12.72
CA LYS A 276 -4.37 -11.58 12.88
C LYS A 276 -5.59 -12.50 12.78
N ALA A 277 -6.74 -12.06 13.28
CA ALA A 277 -8.00 -12.81 13.10
C ALA A 277 -8.40 -12.98 11.61
N ILE A 278 -8.28 -11.91 10.83
CA ILE A 278 -8.63 -11.91 9.41
C ILE A 278 -7.64 -12.70 8.57
N THR A 279 -6.35 -12.51 8.83
CA THR A 279 -5.32 -13.21 8.05
C THR A 279 -5.11 -14.64 8.52
N GLY A 280 -5.41 -14.89 9.79
CA GLY A 280 -5.13 -16.17 10.41
C GLY A 280 -3.66 -16.33 10.79
N SER A 281 -2.96 -15.21 10.93
CA SER A 281 -1.50 -15.19 11.09
C SER A 281 -1.14 -15.02 12.57
N SER A 282 -0.05 -15.64 12.99
CA SER A 282 0.46 -15.51 14.36
C SER A 282 1.09 -14.14 14.60
N VAL A 283 1.53 -13.47 13.52
CA VAL A 283 2.03 -12.11 13.61
C VAL A 283 1.27 -11.17 12.65
N PRO A 284 1.20 -9.89 12.98
CA PRO A 284 0.52 -8.91 12.13
C PRO A 284 1.02 -8.92 10.68
N VAL A 285 0.10 -8.91 9.71
CA VAL A 285 0.46 -8.96 8.31
C VAL A 285 0.52 -7.56 7.74
N SER A 286 1.70 -7.14 7.33
CA SER A 286 1.89 -5.87 6.63
C SER A 286 1.20 -5.89 5.27
N PRO A 287 0.72 -4.76 4.79
CA PRO A 287 0.17 -4.69 3.43
C PRO A 287 1.31 -4.59 2.41
N MET A 288 1.22 -5.34 1.31
CA MET A 288 2.07 -5.17 0.14
C MET A 288 1.53 -4.00 -0.69
N GLY A 289 2.40 -3.04 -1.02
CA GLY A 289 1.96 -1.79 -1.61
C GLY A 289 1.01 -1.07 -0.68
N CYS A 290 -0.08 -0.52 -1.25
CA CYS A 290 -1.08 0.22 -0.49
C CYS A 290 -1.85 -0.62 0.54
N ARG A 291 -2.49 -1.68 0.09
CA ARG A 291 -3.29 -2.50 1.01
C ARG A 291 -3.63 -3.91 0.56
N SER A 292 -2.71 -4.58 -0.12
CA SER A 292 -2.89 -5.98 -0.48
C SER A 292 -2.37 -6.87 0.71
N PHE A 293 -3.27 -7.68 1.27
CA PHE A 293 -2.97 -8.53 2.41
C PHE A 293 -2.94 -9.98 1.98
N LEU A 294 -1.85 -10.64 2.36
CA LEU A 294 -1.71 -12.09 2.25
C LEU A 294 -2.59 -12.69 3.30
N SER A 295 -3.06 -13.93 3.10
CA SER A 295 -3.50 -14.74 4.25
C SER A 295 -2.43 -15.76 4.67
N VAL A 296 -2.65 -16.41 5.81
CA VAL A 296 -1.66 -17.27 6.41
C VAL A 296 -1.30 -18.41 5.46
N TRP A 297 0.00 -18.73 5.42
CA TRP A 297 0.52 -19.82 4.59
C TRP A 297 1.74 -20.45 5.26
N LYS A 298 1.85 -21.76 5.11
CA LYS A 298 2.89 -22.52 5.77
C LYS A 298 3.72 -23.23 4.73
N ASP A 299 5.04 -23.21 4.91
CA ASP A 299 5.92 -23.93 4.02
C ASP A 299 5.81 -25.46 4.30
N SER A 300 6.66 -26.24 3.64
CA SER A 300 6.58 -27.70 3.67
C SER A 300 6.90 -28.30 5.05
N THR A 301 7.53 -27.53 5.94
CA THR A 301 7.78 -27.95 7.31
C THR A 301 6.94 -27.23 8.36
N GLY A 302 5.82 -26.63 7.94
CA GLY A 302 4.86 -26.03 8.85
C GLY A 302 5.19 -24.66 9.42
N ASN A 303 6.16 -23.94 8.84
CA ASN A 303 6.51 -22.60 9.29
C ASN A 303 5.66 -21.53 8.61
N GLU A 304 5.25 -20.53 9.36
CA GLU A 304 4.40 -19.51 8.81
C GLU A 304 5.31 -18.52 8.10
N ILE A 305 5.06 -18.32 6.82
CA ILE A 305 5.87 -17.43 6.00
C ILE A 305 5.08 -16.21 5.56
N LEU A 306 5.75 -15.07 5.69
CA LEU A 306 5.21 -13.78 5.33
C LEU A 306 6.16 -13.14 4.31
N ASP A 307 7.36 -12.80 4.79
CA ASP A 307 8.37 -12.15 3.98
C ASP A 307 8.82 -12.99 2.73
N GLY A 308 8.87 -12.34 1.58
CA GLY A 308 9.19 -12.98 0.33
C GLY A 308 7.97 -13.24 -0.54
N ARG A 309 6.79 -13.21 0.05
CA ARG A 309 5.58 -13.59 -0.68
C ARG A 309 5.04 -12.40 -1.50
N ASN A 310 4.29 -12.72 -2.56
CA ASN A 310 3.83 -11.67 -3.48
C ASN A 310 2.40 -11.84 -3.99
N ASN A 311 1.99 -10.89 -4.85
CA ASN A 311 0.70 -10.89 -5.55
C ASN A 311 0.96 -10.86 -7.05
N LEU A 312 0.13 -11.59 -7.78
CA LEU A 312 0.33 -11.90 -9.19
C LEU A 312 -0.46 -10.93 -10.11
N GLY A 313 -1.33 -10.12 -9.53
CA GLY A 313 -2.10 -9.19 -10.32
C GLY A 313 -3.54 -8.90 -9.89
N VAL A 314 -4.10 -7.89 -10.52
CA VAL A 314 -5.43 -7.41 -10.15
C VAL A 314 -6.26 -7.31 -11.38
N VAL A 315 -7.47 -7.84 -11.29
CA VAL A 315 -8.54 -7.54 -12.21
C VAL A 315 -9.71 -7.05 -11.38
N THR A 316 -10.33 -5.96 -11.81
CA THR A 316 -11.35 -5.28 -11.03
C THR A 316 -12.71 -5.28 -11.72
N LEU A 317 -13.74 -5.61 -10.95
CA LEU A 317 -15.11 -5.79 -11.43
C LEU A 317 -15.86 -4.50 -11.19
N ASN A 318 -16.36 -3.93 -12.28
CA ASN A 318 -17.22 -2.74 -12.23
C ASN A 318 -18.61 -3.17 -11.73
N LEU A 319 -18.83 -3.03 -10.43
CA LEU A 319 -20.08 -3.49 -9.83
C LEU A 319 -21.32 -2.65 -10.24
N PRO A 320 -21.25 -1.32 -10.20
CA PRO A 320 -22.34 -0.50 -10.75
C PRO A 320 -22.75 -0.89 -12.17
N ARG A 321 -21.79 -1.12 -13.05
CA ARG A 321 -22.11 -1.51 -14.41
C ARG A 321 -22.93 -2.80 -14.49
N ILE A 322 -22.69 -3.76 -13.59
CA ILE A 322 -23.53 -4.95 -13.55
C ILE A 322 -24.99 -4.55 -13.36
N ALA A 323 -25.24 -3.69 -12.38
CA ALA A 323 -26.57 -3.22 -12.06
C ALA A 323 -27.18 -2.36 -13.19
N LEU A 324 -26.40 -1.42 -13.74
CA LEU A 324 -26.87 -0.58 -14.83
C LEU A 324 -27.33 -1.42 -16.03
N ASP A 325 -26.57 -2.49 -16.31
CA ASP A 325 -26.84 -3.37 -17.45
C ASP A 325 -27.99 -4.34 -17.15
N SER A 326 -28.47 -4.29 -15.91
CA SER A 326 -29.55 -5.15 -15.51
C SER A 326 -30.84 -4.34 -15.40
N TYR A 327 -30.75 -3.05 -15.73
CA TYR A 327 -31.93 -2.21 -15.85
C TYR A 327 -32.67 -2.53 -17.14
N ILE A 328 -33.98 -2.69 -17.01
CA ILE A 328 -34.91 -2.86 -18.12
C ILE A 328 -35.77 -1.60 -18.05
N GLY A 329 -35.65 -0.74 -19.05
CA GLY A 329 -36.24 0.59 -18.95
C GLY A 329 -35.59 1.33 -17.79
N THR A 330 -36.40 2.01 -16.98
CA THR A 330 -35.93 2.68 -15.76
C THR A 330 -36.06 1.80 -14.53
N GLN A 331 -36.07 0.48 -14.71
CA GLN A 331 -36.35 -0.45 -13.63
C GLN A 331 -35.32 -1.58 -13.52
N PHE A 332 -34.75 -1.73 -12.34
CA PHE A 332 -33.84 -2.83 -12.00
C PHE A 332 -34.54 -4.16 -12.16
N ASN A 333 -33.88 -5.08 -12.84
CA ASN A 333 -34.30 -6.49 -12.92
C ASN A 333 -33.35 -7.43 -12.12
N GLU A 334 -33.79 -7.91 -10.96
CA GLU A 334 -32.99 -8.79 -10.12
C GLU A 334 -32.50 -10.04 -10.82
N GLN A 335 -33.32 -10.65 -11.66
CA GLN A 335 -32.93 -11.88 -12.32
C GLN A 335 -31.80 -11.63 -13.30
N LYS A 336 -31.91 -10.58 -14.11
CA LYS A 336 -30.85 -10.20 -15.03
C LYS A 336 -29.52 -9.94 -14.29
N PHE A 337 -29.60 -9.34 -13.11
CA PHE A 337 -28.44 -9.01 -12.29
C PHE A 337 -27.72 -10.27 -11.84
N VAL A 338 -28.47 -11.30 -11.45
CA VAL A 338 -27.91 -12.59 -11.06
C VAL A 338 -27.21 -13.27 -12.24
N GLU A 339 -27.75 -13.09 -13.44
CA GLU A 339 -27.18 -13.76 -14.62
C GLU A 339 -25.87 -13.12 -15.06
N LEU A 340 -25.77 -11.80 -14.97
CA LEU A 340 -24.60 -11.06 -15.47
C LEU A 340 -23.49 -11.15 -14.44
N PHE A 341 -23.87 -11.12 -13.16
CA PHE A 341 -22.95 -11.31 -12.05
C PHE A 341 -22.20 -12.62 -12.21
N ASN A 342 -22.94 -13.72 -12.34
CA ASN A 342 -22.31 -15.05 -12.55
C ASN A 342 -21.43 -15.09 -13.79
N GLU A 343 -21.93 -14.51 -14.86
CA GLU A 343 -21.22 -14.49 -16.13
C GLU A 343 -19.91 -13.62 -16.02
N ARG A 344 -19.97 -12.56 -15.22
CA ARG A 344 -18.88 -11.61 -15.12
C ARG A 344 -17.82 -12.09 -14.15
N MET A 345 -18.23 -12.89 -13.17
CA MET A 345 -17.30 -13.52 -12.24
C MET A 345 -16.46 -14.52 -12.99
N ASP A 346 -17.11 -15.37 -13.80
CA ASP A 346 -16.41 -16.30 -14.66
C ASP A 346 -15.41 -15.57 -15.56
N LEU A 347 -15.85 -14.46 -16.13
CA LEU A 347 -15.03 -13.64 -17.00
C LEU A 347 -13.75 -13.14 -16.31
N CYS A 348 -13.90 -12.61 -15.10
CA CYS A 348 -12.78 -12.15 -14.29
C CYS A 348 -11.76 -13.27 -14.00
N PHE A 349 -12.25 -14.48 -13.74
CA PHE A 349 -11.41 -15.65 -13.53
C PHE A 349 -10.60 -15.96 -14.80
N GLU A 350 -11.20 -15.71 -15.94
CA GLU A 350 -10.57 -15.98 -17.21
C GLU A 350 -9.48 -14.94 -17.48
N ALA A 351 -9.69 -13.72 -17.01
CA ALA A 351 -8.75 -12.63 -17.23
C ALA A 351 -7.56 -12.82 -16.29
N LEU A 352 -7.85 -13.17 -15.04
CA LEU A 352 -6.83 -13.41 -14.06
C LEU A 352 -5.99 -14.60 -14.45
N MET A 353 -6.64 -15.66 -14.91
CA MET A 353 -5.92 -16.85 -15.36
C MET A 353 -5.16 -16.64 -16.64
N CYS A 354 -5.68 -15.81 -17.52
CA CYS A 354 -4.95 -15.44 -18.72
C CYS A 354 -3.51 -14.94 -18.41
N ARG A 355 -3.36 -14.04 -17.45
CA ARG A 355 -2.05 -13.48 -17.17
C ARG A 355 -1.15 -14.44 -16.40
N ILE A 356 -1.73 -15.22 -15.49
CA ILE A 356 -0.98 -16.26 -14.78
C ILE A 356 -0.43 -17.30 -15.77
N SER A 357 -1.18 -17.60 -16.81
CA SER A 357 -0.71 -18.48 -17.89
C SER A 357 0.51 -17.94 -18.61
N SER A 358 0.58 -16.62 -18.77
CA SER A 358 1.75 -16.01 -19.38
C SER A 358 3.03 -16.40 -18.62
N LEU A 359 2.93 -16.55 -17.29
CA LEU A 359 4.08 -16.93 -16.44
C LEU A 359 4.66 -18.33 -16.67
N LYS A 360 3.93 -19.23 -17.33
CA LYS A 360 4.45 -20.57 -17.64
C LYS A 360 5.67 -20.55 -18.55
N GLY A 361 6.77 -21.20 -18.14
CA GLY A 361 7.97 -21.32 -18.96
C GLY A 361 8.98 -20.21 -18.66
N VAL A 362 8.56 -19.21 -17.91
CA VAL A 362 9.42 -18.10 -17.57
C VAL A 362 10.42 -18.54 -16.52
N LYS A 363 11.66 -18.12 -16.72
CA LYS A 363 12.81 -18.60 -15.97
C LYS A 363 13.24 -17.50 -15.00
N ALA A 364 14.02 -17.87 -13.98
CA ALA A 364 14.42 -16.93 -12.92
C ALA A 364 15.47 -15.88 -13.37
N THR A 365 16.01 -16.05 -14.57
CA THR A 365 16.91 -15.05 -15.20
C THR A 365 16.22 -13.73 -15.47
N VAL A 366 14.89 -13.77 -15.48
CA VAL A 366 14.07 -12.58 -15.70
C VAL A 366 14.26 -11.49 -14.61
N ALA A 367 14.54 -11.91 -13.38
CA ALA A 367 14.65 -10.96 -12.27
C ALA A 367 15.44 -11.57 -11.13
N PRO A 368 16.78 -11.65 -11.27
CA PRO A 368 17.64 -12.26 -10.24
C PRO A 368 17.44 -11.72 -8.81
N ILE A 369 17.26 -10.42 -8.66
CA ILE A 369 17.06 -9.87 -7.33
C ILE A 369 15.83 -10.49 -6.67
N LEU A 370 14.77 -10.70 -7.45
CA LEU A 370 13.54 -11.29 -6.92
C LEU A 370 13.69 -12.77 -6.67
N TYR A 371 14.14 -13.51 -7.67
CA TYR A 371 14.06 -14.98 -7.69
C TYR A 371 15.33 -15.72 -7.26
N GLN A 372 16.50 -15.15 -7.53
CA GLN A 372 17.75 -15.85 -7.27
C GLN A 372 18.40 -15.41 -5.97
N GLU A 373 18.16 -14.17 -5.56
CA GLU A 373 18.97 -13.52 -4.55
C GLU A 373 18.20 -13.10 -3.30
N GLY A 374 16.97 -13.57 -3.13
CA GLY A 374 16.35 -13.55 -1.81
C GLY A 374 15.16 -12.67 -1.57
N ALA A 375 14.88 -11.71 -2.45
CA ALA A 375 13.72 -10.83 -2.26
C ALA A 375 12.40 -11.59 -2.10
N PHE A 376 12.15 -12.59 -2.94
CA PHE A 376 10.99 -13.47 -2.77
C PHE A 376 11.24 -14.67 -1.80
N GLY A 377 12.26 -14.56 -0.96
CA GLY A 377 12.44 -15.46 0.17
C GLY A 377 12.99 -16.83 -0.15
N VAL A 378 13.09 -17.20 -1.42
CA VAL A 378 13.74 -18.44 -1.78
C VAL A 378 14.66 -18.24 -2.97
N ARG A 379 15.79 -18.92 -2.93
CA ARG A 379 16.73 -18.96 -4.03
C ARG A 379 16.39 -20.04 -5.06
N LEU A 380 15.91 -19.59 -6.22
CA LEU A 380 15.78 -20.42 -7.42
C LEU A 380 17.10 -20.38 -8.20
N LYS A 381 17.40 -21.46 -8.92
CA LYS A 381 18.49 -21.48 -9.90
C LYS A 381 18.06 -20.74 -11.16
N PRO A 382 19.04 -20.26 -11.94
CA PRO A 382 18.75 -19.56 -13.21
C PRO A 382 17.76 -20.26 -14.15
N ASP A 383 17.83 -21.59 -14.22
CA ASP A 383 17.03 -22.36 -15.17
C ASP A 383 15.72 -22.90 -14.57
N ASP A 384 15.38 -22.47 -13.35
CA ASP A 384 14.13 -22.82 -12.69
C ASP A 384 12.96 -21.97 -13.21
N ASP A 385 11.77 -22.57 -13.27
CA ASP A 385 10.54 -21.85 -13.61
C ASP A 385 10.00 -21.10 -12.41
N ILE A 386 9.68 -19.82 -12.59
CA ILE A 386 9.27 -18.97 -11.47
C ILE A 386 7.85 -19.24 -10.98
N ILE A 387 7.03 -19.89 -11.80
CA ILE A 387 5.61 -20.00 -11.46
C ILE A 387 5.38 -21.01 -10.33
N GLU A 388 6.26 -21.98 -10.21
CA GLU A 388 6.14 -22.99 -9.16
C GLU A 388 6.23 -22.34 -7.76
N LEU A 389 7.01 -21.27 -7.68
CA LEU A 389 7.11 -20.49 -6.47
C LEU A 389 5.77 -19.93 -6.02
N PHE A 390 4.90 -19.59 -6.98
CA PHE A 390 3.65 -18.92 -6.67
C PHE A 390 2.51 -19.85 -6.27
N LYS A 391 2.60 -21.11 -6.65
CA LYS A 391 1.52 -22.09 -6.51
C LYS A 391 1.17 -22.46 -5.07
N ASN A 392 -0.01 -23.08 -4.92
CA ASN A 392 -0.48 -23.68 -3.66
C ASN A 392 -0.59 -22.71 -2.51
N GLY A 393 -0.90 -21.47 -2.83
CA GLY A 393 -1.31 -20.50 -1.84
C GLY A 393 -0.22 -19.55 -1.43
N ARG A 394 0.98 -19.72 -1.97
CA ARG A 394 2.09 -18.84 -1.57
C ARG A 394 1.81 -17.40 -2.00
N SER A 395 1.58 -17.20 -3.29
CA SER A 395 1.21 -15.87 -3.81
C SER A 395 -0.31 -15.66 -3.75
N SER A 396 -0.75 -14.44 -3.50
CA SER A 396 -2.16 -14.07 -3.68
C SER A 396 -2.44 -13.59 -5.10
N VAL A 397 -3.72 -13.53 -5.45
CA VAL A 397 -4.21 -13.07 -6.75
C VAL A 397 -5.50 -12.33 -6.45
N SER A 398 -5.69 -11.19 -7.11
CA SER A 398 -6.62 -10.19 -6.66
C SER A 398 -7.83 -10.01 -7.58
N LEU A 399 -9.02 -10.26 -7.05
CA LEU A 399 -10.27 -9.85 -7.71
C LEU A 399 -10.72 -8.58 -7.01
N GLY A 400 -10.49 -7.47 -7.68
CA GLY A 400 -10.95 -6.18 -7.24
C GLY A 400 -12.44 -5.93 -7.53
N TYR A 401 -12.95 -4.91 -6.85
CA TYR A 401 -14.30 -4.42 -7.01
C TYR A 401 -14.30 -2.95 -6.63
N ILE A 402 -15.41 -2.29 -6.94
CA ILE A 402 -15.59 -0.89 -6.65
C ILE A 402 -17.07 -0.47 -6.69
N GLY A 403 -17.41 0.56 -5.92
CA GLY A 403 -18.65 1.29 -6.07
C GLY A 403 -19.84 0.62 -5.41
N ILE A 404 -19.66 0.15 -4.19
CA ILE A 404 -20.75 -0.47 -3.47
C ILE A 404 -21.85 0.55 -3.22
N HIS A 405 -21.47 1.76 -2.87
CA HIS A 405 -22.44 2.81 -2.64
C HIS A 405 -23.41 2.97 -3.84
N GLU A 406 -22.84 3.11 -5.02
CA GLU A 406 -23.60 3.26 -6.25
C GLU A 406 -24.33 1.98 -6.68
N LEU A 407 -23.82 0.83 -6.26
CA LEU A 407 -24.53 -0.43 -6.43
C LEU A 407 -25.80 -0.47 -5.58
N ASN A 408 -25.68 -0.03 -4.33
CA ASN A 408 -26.81 -0.02 -3.40
C ASN A 408 -27.94 0.88 -3.88
N ILE A 409 -27.61 2.08 -4.32
CA ILE A 409 -28.57 2.99 -4.96
C ILE A 409 -29.27 2.33 -6.16
N LEU A 410 -28.50 1.66 -7.02
CA LEU A 410 -29.06 1.08 -8.24
C LEU A 410 -30.03 -0.07 -7.98
N VAL A 411 -29.70 -0.93 -7.01
CA VAL A 411 -30.55 -2.07 -6.67
C VAL A 411 -31.62 -1.73 -5.63
N GLY A 412 -31.58 -0.53 -5.06
CA GLY A 412 -32.57 -0.07 -4.09
C GLY A 412 -32.39 -0.46 -2.63
N ARG A 413 -31.36 -1.24 -2.31
CA ARG A 413 -31.09 -1.64 -0.93
C ARG A 413 -29.61 -1.98 -0.71
N ASP A 414 -29.22 -2.14 0.55
CA ASP A 414 -27.84 -2.45 0.92
C ASP A 414 -27.53 -3.93 0.69
N ILE A 415 -26.77 -4.21 -0.38
CA ILE A 415 -26.37 -5.58 -0.68
C ILE A 415 -24.85 -5.81 -0.59
N GLY A 416 -24.11 -4.85 -0.02
CA GLY A 416 -22.65 -4.88 0.00
C GLY A 416 -22.03 -6.10 0.66
N ARG A 417 -22.41 -6.40 1.89
CA ARG A 417 -21.88 -7.56 2.62
C ARG A 417 -22.31 -8.86 1.97
N GLU A 418 -23.43 -8.81 1.29
CA GLU A 418 -24.08 -9.99 0.75
C GLU A 418 -23.42 -10.39 -0.57
N ILE A 419 -23.20 -9.40 -1.44
CA ILE A 419 -22.59 -9.65 -2.75
C ILE A 419 -21.09 -9.98 -2.61
N LEU A 420 -20.43 -9.29 -1.70
CA LEU A 420 -19.03 -9.58 -1.40
C LEU A 420 -18.84 -10.95 -0.78
N THR A 421 -19.76 -11.38 0.09
CA THR A 421 -19.73 -12.74 0.62
C THR A 421 -19.88 -13.77 -0.51
N LYS A 422 -20.72 -13.46 -1.50
CA LYS A 422 -20.92 -14.39 -2.60
C LYS A 422 -19.68 -14.42 -3.50
N MET A 423 -19.02 -13.27 -3.64
CA MET A 423 -17.79 -13.20 -4.44
C MET A 423 -16.71 -14.10 -3.80
N ASN A 424 -16.57 -14.03 -2.48
CA ASN A 424 -15.71 -14.99 -1.75
C ASN A 424 -16.01 -16.48 -2.01
N ALA A 425 -17.28 -16.82 -2.25
CA ALA A 425 -17.67 -18.20 -2.51
C ALA A 425 -17.16 -18.67 -3.85
N HIS A 426 -17.26 -17.82 -4.87
CA HIS A 426 -16.63 -18.09 -6.17
C HIS A 426 -15.09 -18.23 -6.01
N LEU A 427 -14.50 -17.32 -5.26
CA LEU A 427 -13.05 -17.29 -5.04
C LEU A 427 -12.53 -18.60 -4.42
N LYS A 428 -13.27 -19.12 -3.45
CA LYS A 428 -12.94 -20.42 -2.82
C LYS A 428 -12.92 -21.55 -3.86
N GLN A 429 -13.85 -21.53 -4.80
CA GLN A 429 -13.93 -22.55 -5.86
C GLN A 429 -12.74 -22.45 -6.79
N TRP A 430 -12.33 -21.20 -7.08
CA TRP A 430 -11.24 -20.89 -7.99
C TRP A 430 -9.93 -21.33 -7.39
N THR A 431 -9.78 -21.05 -6.10
CA THR A 431 -8.63 -21.46 -5.33
C THR A 431 -8.43 -22.96 -5.31
N GLU A 432 -9.54 -23.72 -5.17
CA GLU A 432 -9.50 -25.18 -5.05
C GLU A 432 -9.28 -25.84 -6.41
N ARG A 433 -9.75 -25.21 -7.49
CA ARG A 433 -9.56 -25.74 -8.83
C ARG A 433 -8.14 -25.54 -9.39
N THR A 434 -7.47 -24.46 -8.97
CA THR A 434 -6.19 -24.05 -9.56
C THR A 434 -4.97 -24.11 -8.61
N GLY A 435 -5.19 -24.10 -7.30
CA GLY A 435 -4.11 -24.00 -6.35
C GLY A 435 -3.69 -22.56 -6.01
N PHE A 436 -4.07 -21.59 -6.84
CA PHE A 436 -3.71 -20.19 -6.59
C PHE A 436 -4.67 -19.56 -5.57
N ALA A 437 -4.14 -18.75 -4.67
CA ALA A 437 -4.94 -18.20 -3.56
C ALA A 437 -5.59 -16.90 -3.95
N PHE A 438 -6.79 -16.99 -4.52
CA PHE A 438 -7.57 -15.81 -4.88
C PHE A 438 -8.14 -15.13 -3.63
N SER A 439 -8.12 -13.82 -3.62
CA SER A 439 -8.75 -13.04 -2.57
C SER A 439 -9.41 -11.78 -3.12
N LEU A 440 -10.36 -11.28 -2.33
CA LEU A 440 -11.19 -10.13 -2.66
C LEU A 440 -10.42 -8.88 -2.23
N TYR A 441 -10.29 -7.95 -3.17
CA TYR A 441 -9.39 -6.82 -3.05
C TYR A 441 -10.13 -5.52 -3.27
N SER A 442 -10.07 -4.65 -2.27
CA SER A 442 -10.64 -3.32 -2.36
C SER A 442 -9.71 -2.41 -3.15
N THR A 443 -9.93 -2.38 -4.46
CA THR A 443 -9.06 -1.66 -5.39
C THR A 443 -8.89 -0.19 -4.96
N PRO A 444 -7.64 0.26 -4.75
CA PRO A 444 -7.38 1.65 -4.37
C PRO A 444 -7.93 2.65 -5.39
N ALA A 445 -7.80 2.35 -6.67
CA ALA A 445 -8.55 3.03 -7.74
C ALA A 445 -8.43 4.55 -7.70
N GLU A 446 -7.19 5.02 -7.64
CA GLU A 446 -6.87 6.46 -7.65
C GLU A 446 -7.58 7.16 -8.81
N ASN A 447 -7.42 6.64 -10.02
CA ASN A 447 -8.10 7.18 -11.21
C ASN A 447 -9.14 6.23 -11.88
N LEU A 448 -9.15 4.94 -11.51
CA LEU A 448 -10.17 4.01 -11.98
C LEU A 448 -11.58 4.44 -11.57
N CYS A 449 -11.71 5.16 -10.45
CA CYS A 449 -12.98 5.72 -10.05
C CYS A 449 -13.61 6.59 -11.17
N TYR A 450 -12.79 7.29 -11.94
CA TYR A 450 -13.24 8.14 -13.06
C TYR A 450 -13.38 7.33 -14.33
N ARG A 451 -12.42 6.45 -14.58
CA ARG A 451 -12.43 5.66 -15.82
C ARG A 451 -13.75 4.89 -15.98
N PHE A 452 -14.11 4.10 -14.97
CA PHE A 452 -15.34 3.31 -15.01
C PHE A 452 -16.57 4.20 -15.18
N CYS A 453 -16.65 5.27 -14.41
CA CYS A 453 -17.75 6.23 -14.50
C CYS A 453 -17.86 6.91 -15.87
N LYS A 454 -16.73 7.22 -16.50
CA LYS A 454 -16.71 7.83 -17.83
C LYS A 454 -17.24 6.86 -18.87
N LEU A 455 -16.86 5.60 -18.78
CA LEU A 455 -17.30 4.62 -19.78
C LEU A 455 -18.76 4.21 -19.59
N ASP A 456 -19.24 4.25 -18.35
CA ASP A 456 -20.63 3.90 -18.03
C ASP A 456 -21.52 5.08 -18.47
N THR A 457 -20.95 6.27 -18.47
CA THR A 457 -21.62 7.49 -18.91
C THR A 457 -21.75 7.50 -20.44
N GLU A 458 -20.77 6.95 -21.14
CA GLU A 458 -20.84 6.86 -22.59
C GLU A 458 -22.03 6.03 -23.02
N LYS A 459 -22.51 5.12 -22.16
CA LYS A 459 -23.66 4.29 -22.51
C LYS A 459 -25.01 4.77 -21.93
N TYR A 460 -24.99 5.27 -20.70
CA TYR A 460 -26.19 5.55 -19.92
C TYR A 460 -26.37 7.03 -19.53
N GLY A 461 -25.38 7.87 -19.82
CA GLY A 461 -25.47 9.29 -19.53
C GLY A 461 -25.38 9.65 -18.05
N SER A 462 -25.94 10.80 -17.70
CA SER A 462 -25.98 11.24 -16.31
C SER A 462 -27.11 10.50 -15.59
N VAL A 463 -26.74 9.71 -14.59
CA VAL A 463 -27.69 8.93 -13.81
C VAL A 463 -27.62 9.46 -12.39
N LYS A 464 -28.78 9.78 -11.80
CA LYS A 464 -28.80 10.47 -10.53
C LYS A 464 -28.16 9.64 -9.43
N ASP A 465 -27.28 10.28 -8.66
CA ASP A 465 -26.52 9.69 -7.53
C ASP A 465 -25.48 8.62 -7.90
N VAL A 466 -25.31 8.34 -9.18
CA VAL A 466 -24.42 7.27 -9.63
C VAL A 466 -23.31 7.81 -10.51
N THR A 467 -23.63 8.18 -11.77
CA THR A 467 -22.63 8.71 -12.70
C THR A 467 -22.58 10.24 -12.76
N ASP A 468 -23.51 10.92 -12.12
CA ASP A 468 -23.65 12.38 -12.28
C ASP A 468 -22.46 13.16 -11.72
N LYS A 469 -21.90 12.69 -10.62
CA LYS A 469 -20.75 13.35 -10.00
C LYS A 469 -19.43 13.10 -10.77
N GLY A 470 -19.36 12.05 -11.59
CA GLY A 470 -18.18 11.75 -12.41
C GLY A 470 -17.19 10.73 -11.83
N TRP A 471 -17.50 10.16 -10.67
CA TRP A 471 -16.70 9.09 -10.05
C TRP A 471 -17.52 8.08 -9.28
N TYR A 472 -16.99 6.87 -9.15
CA TYR A 472 -17.53 5.86 -8.28
C TYR A 472 -16.73 5.90 -6.99
N THR A 473 -17.40 5.49 -5.92
CA THR A 473 -16.88 5.50 -4.58
C THR A 473 -16.03 4.27 -4.39
N ASN A 474 -14.93 4.42 -3.66
CA ASN A 474 -14.01 3.30 -3.43
C ASN A 474 -14.66 2.13 -2.72
N SER A 475 -14.52 0.95 -3.29
CA SER A 475 -14.87 -0.30 -2.64
C SER A 475 -16.18 -0.20 -1.83
N PHE A 476 -16.08 -0.32 -0.51
CA PHE A 476 -17.23 -0.39 0.39
C PHE A 476 -17.33 0.89 1.19
N HIS A 477 -16.51 1.87 0.85
CA HIS A 477 -16.47 3.13 1.58
C HIS A 477 -17.82 3.84 1.52
N VAL A 478 -18.23 4.46 2.63
CA VAL A 478 -19.46 5.24 2.62
C VAL A 478 -19.15 6.52 1.86
N SER A 479 -20.14 7.00 1.12
CA SER A 479 -20.00 8.15 0.24
C SER A 479 -19.27 9.31 0.89
N VAL A 480 -18.38 9.94 0.12
CA VAL A 480 -17.63 11.11 0.59
C VAL A 480 -18.52 12.35 0.69
N GLU A 481 -19.78 12.24 0.22
CA GLU A 481 -20.78 13.31 0.31
C GLU A 481 -21.94 12.90 1.20
N GLU A 482 -21.65 12.21 2.29
CA GLU A 482 -22.67 11.84 3.26
C GLU A 482 -22.30 12.45 4.61
N ASN A 483 -23.30 12.97 5.30
CA ASN A 483 -23.06 13.70 6.54
C ASN A 483 -23.01 12.73 7.72
N ILE A 484 -21.79 12.30 8.06
CA ILE A 484 -21.61 11.23 9.05
C ILE A 484 -20.41 11.52 9.96
N THR A 485 -20.48 11.06 11.20
CA THR A 485 -19.40 11.29 12.16
C THR A 485 -18.30 10.24 11.98
N PRO A 486 -17.10 10.56 12.43
CA PRO A 486 -16.00 9.59 12.46
C PRO A 486 -16.40 8.22 13.00
N PHE A 487 -17.10 8.20 14.12
CA PHE A 487 -17.41 6.94 14.79
C PHE A 487 -18.43 6.12 14.03
N GLU A 488 -19.39 6.78 13.38
CA GLU A 488 -20.46 6.07 12.68
C GLU A 488 -20.00 5.53 11.33
N LYS A 489 -18.97 6.16 10.78
CA LYS A 489 -18.33 5.74 9.53
C LYS A 489 -17.51 4.49 9.77
N ILE A 490 -16.78 4.46 10.89
CA ILE A 490 -15.99 3.28 11.25
C ILE A 490 -16.90 2.08 11.42
N SER A 491 -18.03 2.26 12.12
CA SER A 491 -19.01 1.19 12.37
C SER A 491 -19.63 0.59 11.10
N ARG A 492 -20.03 1.46 10.19
CA ARG A 492 -20.60 1.06 8.91
C ARG A 492 -19.61 0.28 8.03
N GLU A 493 -18.34 0.69 8.10
CA GLU A 493 -17.29 0.13 7.25
C GLU A 493 -16.62 -1.11 7.83
N ALA A 494 -16.53 -1.20 9.15
CA ALA A 494 -15.78 -2.29 9.82
C ALA A 494 -16.08 -3.70 9.31
N PRO A 495 -17.34 -4.08 9.13
CA PRO A 495 -17.66 -5.45 8.71
C PRO A 495 -16.95 -5.91 7.44
N TYR A 496 -16.65 -4.96 6.57
CA TYR A 496 -16.08 -5.23 5.26
C TYR A 496 -14.60 -5.62 5.31
N HIS A 497 -13.89 -5.14 6.32
CA HIS A 497 -12.51 -5.56 6.53
C HIS A 497 -12.42 -7.08 6.77
N PHE A 498 -13.48 -7.67 7.31
CA PHE A 498 -13.52 -9.11 7.62
C PHE A 498 -14.00 -9.95 6.46
N ILE A 499 -14.43 -9.29 5.39
CA ILE A 499 -14.96 -9.94 4.21
C ILE A 499 -14.01 -9.80 3.02
N ALA A 500 -13.59 -8.57 2.71
CA ALA A 500 -12.66 -8.32 1.62
C ALA A 500 -11.23 -8.51 2.13
N THR A 501 -10.88 -9.76 2.41
CA THR A 501 -9.67 -10.08 3.18
C THR A 501 -8.38 -9.83 2.43
N GLY A 502 -8.47 -9.75 1.10
CA GLY A 502 -7.31 -9.54 0.24
C GLY A 502 -6.83 -8.11 0.21
N GLY A 503 -7.64 -7.19 0.71
CA GLY A 503 -7.28 -5.80 0.74
C GLY A 503 -8.39 -4.88 1.16
N HIS A 504 -8.10 -3.98 2.07
CA HIS A 504 -9.10 -3.07 2.58
C HIS A 504 -8.44 -2.00 3.41
N ILE A 505 -9.11 -0.86 3.50
CA ILE A 505 -8.78 0.19 4.44
C ILE A 505 -10.03 1.07 4.68
N SER A 506 -10.03 1.81 5.79
CA SER A 506 -11.05 2.83 6.03
C SER A 506 -10.39 4.15 6.34
N TYR A 507 -10.98 5.22 5.80
CA TYR A 507 -10.57 6.57 6.06
C TYR A 507 -11.68 7.31 6.81
N VAL A 508 -11.24 8.30 7.59
CA VAL A 508 -12.13 9.26 8.21
C VAL A 508 -11.57 10.65 7.92
N GLU A 509 -12.45 11.58 7.54
CA GLU A 509 -12.07 12.98 7.29
C GLU A 509 -12.16 13.78 8.59
N LEU A 510 -11.09 14.54 8.89
CA LEU A 510 -10.99 15.36 10.11
C LEU A 510 -10.34 16.70 9.79
N PRO A 511 -10.65 17.73 10.57
CA PRO A 511 -9.97 19.03 10.42
C PRO A 511 -8.55 19.02 11.02
N ASP A 512 -7.91 20.19 11.13
CA ASP A 512 -6.61 20.30 11.79
C ASP A 512 -6.69 19.68 13.18
N MET A 513 -5.76 18.76 13.49
CA MET A 513 -5.75 18.05 14.75
C MET A 513 -4.40 18.18 15.44
N LYS A 514 -3.59 19.14 15.00
CA LYS A 514 -2.25 19.31 15.53
C LYS A 514 -2.26 19.72 17.00
N ASN A 515 -3.23 20.54 17.39
CA ASN A 515 -3.41 20.91 18.81
C ASN A 515 -4.59 20.19 19.48
N ASN A 516 -4.98 19.05 18.93
CA ASN A 516 -5.99 18.16 19.51
C ASN A 516 -5.60 16.69 19.33
N LEU A 517 -4.41 16.34 19.77
CA LEU A 517 -3.93 14.96 19.67
C LEU A 517 -4.82 13.93 20.41
N LYS A 518 -5.62 14.41 21.36
CA LYS A 518 -6.52 13.56 22.13
C LYS A 518 -7.74 13.11 21.32
N GLY A 519 -8.32 14.02 20.54
CA GLY A 519 -9.43 13.67 19.66
C GLY A 519 -9.00 12.69 18.58
N LEU A 520 -7.82 12.94 18.00
CA LEU A 520 -7.24 12.04 17.01
C LEU A 520 -7.05 10.66 17.60
N GLU A 521 -6.59 10.59 18.85
CA GLU A 521 -6.28 9.30 19.48
C GLU A 521 -7.56 8.50 19.73
N ALA A 522 -8.65 9.21 19.96
CA ALA A 522 -9.94 8.58 20.27
C ALA A 522 -10.46 7.87 19.01
N VAL A 523 -10.21 8.49 17.86
CA VAL A 523 -10.54 7.90 16.57
C VAL A 523 -9.63 6.69 16.23
N TRP A 524 -8.34 6.79 16.57
CA TRP A 524 -7.44 5.65 16.42
C TRP A 524 -7.89 4.48 17.26
N ASP A 525 -8.27 4.74 18.51
CA ASP A 525 -8.64 3.67 19.46
C ASP A 525 -9.93 2.98 19.03
N TYR A 526 -10.90 3.77 18.57
CA TYR A 526 -12.16 3.21 18.10
C TYR A 526 -11.88 2.33 16.88
N ALA A 527 -11.14 2.87 15.91
CA ALA A 527 -10.73 2.13 14.70
C ALA A 527 -10.05 0.81 15.05
N ALA A 528 -9.09 0.85 15.98
CA ALA A 528 -8.26 -0.31 16.32
C ALA A 528 -9.10 -1.44 16.93
N GLN A 529 -10.13 -1.05 17.66
CA GLN A 529 -11.11 -1.97 18.22
C GLN A 529 -11.97 -2.67 17.16
N HIS A 530 -12.46 -1.95 16.17
CA HIS A 530 -13.47 -2.51 15.24
C HIS A 530 -12.99 -2.96 13.85
N LEU A 531 -11.86 -2.44 13.36
CA LEU A 531 -11.42 -2.76 12.00
C LEU A 531 -9.91 -3.10 11.92
N ASP A 532 -9.44 -3.35 10.70
CA ASP A 532 -8.10 -3.85 10.44
C ASP A 532 -7.14 -2.68 10.19
N TYR A 533 -7.32 -2.00 9.07
CA TYR A 533 -6.31 -1.07 8.57
C TYR A 533 -6.99 0.26 8.42
N PHE A 534 -6.36 1.32 8.95
CA PHE A 534 -7.03 2.59 9.12
C PHE A 534 -6.09 3.78 8.94
N GLY A 535 -6.62 4.84 8.34
CA GLY A 535 -5.91 6.09 8.21
C GLY A 535 -6.87 7.25 8.37
N VAL A 536 -6.32 8.45 8.62
CA VAL A 536 -7.12 9.64 8.84
C VAL A 536 -6.72 10.73 7.87
N ASN A 537 -7.67 11.19 7.07
CA ASN A 537 -7.44 12.27 6.12
C ASN A 537 -7.65 13.64 6.75
N MET A 538 -6.54 14.35 6.96
CA MET A 538 -6.55 15.71 7.48
C MET A 538 -5.88 16.62 6.45
N PRO A 539 -6.01 17.94 6.61
CA PRO A 539 -5.27 18.87 5.73
C PRO A 539 -3.88 19.12 6.27
N VAL A 540 -2.84 18.90 5.45
CA VAL A 540 -1.47 19.22 5.88
C VAL A 540 -0.89 20.27 4.92
N ASP A 541 -0.95 21.52 5.34
CA ASP A 541 -0.48 22.63 4.53
C ASP A 541 0.64 23.39 5.23
N LYS A 542 1.47 24.03 4.44
CA LYS A 542 2.57 24.84 4.94
C LYS A 542 2.74 26.01 4.00
N CYS A 543 2.67 27.23 4.54
CA CYS A 543 3.08 28.44 3.80
C CYS A 543 4.56 28.68 4.09
N PHE A 544 5.36 28.77 3.04
CA PHE A 544 6.81 28.92 3.18
C PHE A 544 7.21 30.33 3.61
N THR A 545 6.48 31.34 3.14
CA THR A 545 6.85 32.73 3.39
C THR A 545 6.64 33.20 4.84
N CYS A 546 5.56 32.74 5.47
CA CYS A 546 5.30 33.08 6.87
C CYS A 546 5.56 31.92 7.82
N GLY A 547 5.06 30.73 7.48
CA GLY A 547 5.29 29.52 8.26
C GLY A 547 4.05 28.86 8.85
N SER A 548 2.88 29.38 8.49
CA SER A 548 1.59 28.85 8.94
C SER A 548 1.45 27.37 8.61
N THR A 549 1.04 26.58 9.59
CA THR A 549 0.71 25.18 9.36
C THR A 549 -0.82 24.95 9.52
N HIS A 550 -1.59 26.03 9.35
CA HIS A 550 -3.04 25.95 9.39
C HIS A 550 -3.55 25.50 8.04
N GLU A 551 -4.78 24.98 8.02
CA GLU A 551 -5.44 24.65 6.76
C GLU A 551 -5.62 25.90 5.92
N MET A 552 -5.09 25.85 4.70
CA MET A 552 -5.37 26.87 3.68
C MET A 552 -6.83 26.80 3.25
N THR A 553 -7.39 27.96 2.91
CA THR A 553 -8.77 28.04 2.42
C THR A 553 -8.78 27.95 0.88
N PRO A 554 -9.70 27.17 0.33
CA PRO A 554 -9.75 26.93 -1.12
C PRO A 554 -10.47 27.99 -1.97
N THR A 555 -9.73 28.66 -2.85
CA THR A 555 -10.28 29.56 -3.87
C THR A 555 -10.47 28.83 -5.21
N GLU A 556 -11.17 29.49 -6.14
CA GLU A 556 -11.35 28.98 -7.50
C GLU A 556 -10.03 29.00 -8.29
N ASN A 557 -9.15 29.93 -7.93
CA ASN A 557 -7.82 30.05 -8.56
C ASN A 557 -6.87 28.95 -8.06
N GLY A 558 -6.78 28.80 -6.73
CA GLY A 558 -5.95 27.79 -6.10
C GLY A 558 -6.18 27.72 -4.59
N PHE A 559 -5.10 27.71 -3.81
CA PHE A 559 -5.19 27.78 -2.35
C PHE A 559 -4.71 29.18 -1.90
N VAL A 560 -5.18 29.64 -0.75
CA VAL A 560 -4.73 30.93 -0.20
C VAL A 560 -4.50 30.88 1.32
N CYS A 561 -3.47 31.60 1.75
CA CYS A 561 -3.05 31.60 3.14
C CYS A 561 -3.94 32.51 4.01
N SER A 562 -4.60 31.92 5.00
CA SER A 562 -5.50 32.63 5.91
C SER A 562 -4.88 33.89 6.51
N ILE A 563 -3.68 33.75 7.06
CA ILE A 563 -3.06 34.80 7.87
C ILE A 563 -2.19 35.79 7.09
N CYS A 564 -1.50 35.35 6.04
CA CYS A 564 -0.66 36.26 5.27
C CYS A 564 -1.35 36.68 3.95
N GLY A 565 -1.82 35.71 3.18
CA GLY A 565 -2.47 35.97 1.90
C GLY A 565 -1.69 35.56 0.65
N GLU A 566 -0.73 34.64 0.83
CA GLU A 566 0.10 34.15 -0.29
C GLU A 566 -0.69 33.13 -1.12
N THR A 567 -0.50 33.20 -2.45
CA THR A 567 -1.23 32.33 -3.39
C THR A 567 -0.35 31.61 -4.42
N ASP A 568 0.97 31.81 -4.38
CA ASP A 568 1.89 31.13 -5.31
C ASP A 568 2.05 29.65 -4.89
N PRO A 569 1.74 28.72 -5.80
CA PRO A 569 1.97 27.28 -5.56
C PRO A 569 3.42 26.89 -5.20
N LYS A 570 4.41 27.61 -5.73
CA LYS A 570 5.82 27.31 -5.45
C LYS A 570 6.25 27.76 -4.04
N LYS A 571 5.47 28.67 -3.44
CA LYS A 571 5.75 29.16 -2.07
C LYS A 571 4.82 28.52 -1.02
N MET A 572 4.35 27.30 -1.29
CA MET A 572 3.56 26.53 -0.32
C MET A 572 3.59 25.02 -0.61
N ASN A 573 3.21 24.22 0.39
CA ASN A 573 3.08 22.76 0.26
C ASN A 573 1.71 22.33 0.74
N THR A 574 0.84 21.87 -0.15
CA THR A 574 -0.52 21.50 0.23
C THR A 574 -0.82 20.07 -0.15
N ILE A 575 -1.04 19.22 0.84
CA ILE A 575 -1.21 17.80 0.60
C ILE A 575 -2.54 17.30 1.19
N ARG A 576 -3.31 16.64 0.34
CA ARG A 576 -4.50 15.85 0.71
C ARG A 576 -4.32 14.39 0.32
N ARG A 577 -5.15 13.54 0.89
CA ARG A 577 -5.34 12.20 0.40
C ARG A 577 -6.78 12.15 -0.07
N THR A 578 -7.05 12.61 -1.28
CA THR A 578 -8.42 12.67 -1.76
C THR A 578 -8.91 11.27 -2.18
N CYS A 579 -7.96 10.41 -2.54
CA CYS A 579 -8.26 9.02 -2.90
C CYS A 579 -7.44 8.01 -2.10
N ALA A 580 -6.23 7.71 -2.59
CA ALA A 580 -5.39 6.63 -2.07
C ALA A 580 -4.00 7.14 -1.67
N TYR A 581 -3.32 7.76 -2.61
CA TYR A 581 -2.01 8.36 -2.36
C TYR A 581 -2.16 9.79 -1.87
N LEU A 582 -1.14 10.30 -1.20
CA LEU A 582 -1.05 11.71 -0.91
C LEU A 582 -0.72 12.44 -2.20
N GLY A 583 -1.19 13.68 -2.31
CA GLY A 583 -0.93 14.50 -3.48
C GLY A 583 -1.35 15.94 -3.28
N ASN A 584 -0.86 16.83 -4.14
CA ASN A 584 -1.32 18.22 -4.18
C ASN A 584 -2.55 18.35 -5.07
N PRO A 585 -3.71 18.74 -4.52
CA PRO A 585 -4.87 19.07 -5.35
C PRO A 585 -4.81 20.54 -5.84
N ASN A 586 -4.93 20.73 -7.14
CA ASN A 586 -4.73 22.04 -7.77
C ASN A 586 -6.06 22.80 -8.02
#